data_3ZQE
#
_entry.id   3ZQE
#
_cell.length_a   171.152
_cell.length_b   47.456
_cell.length_c   102.627
_cell.angle_alpha   90.00
_cell.angle_beta   121.96
_cell.angle_gamma   90.00
#
_symmetry.space_group_name_H-M   'C 1 2 1'
#
loop_
_entity.id
_entity.type
_entity.pdbx_description
1 polymer 'PROTEIN PRGI, CELL INVASION PROTEIN SIPD'
2 non-polymer GLYCEROL
3 non-polymer '(3ALPHA,5BETA,12ALPHA)-3,12-DIHYDROXYCHOLAN-24-OIC ACID'
4 water water
#
_entity_poly.entity_id   1
_entity_poly.type   'polypeptide(L)'
_entity_poly.pdbx_seq_one_letter_code
;GSHMATPWSGYLDDVSAKFDTGVDNLQTQVTEALDKLAAKPSDPALLAAYQSKLSEYNLYRNAQSNTVKVFKDIDAAIIQ
NFRGGSGGTTISDAEIWDMVSQNISAIGDSYLGVYENVVAVYTDFYQAFSDILSKMGGWLLPGKDGNTVKLDVTSLKNDL
NSLVNKYNQINSNTVLFPAQSGSGVKVATEAEARQWLSELNLPNSCLKSYGSGYVVTVDLTPLQKMVQDIDGLGAPGKDS
KLEMDNAKYQAWQSGFKAQEENMKTTLQTLTQKYSNANSLYDNLVKVLSSTISSSLETAKSFLQG
;
_entity_poly.pdbx_strand_id   A,B
#
loop_
_chem_comp.id
_chem_comp.type
_chem_comp.name
_chem_comp.formula
DXC non-polymer '(3ALPHA,5BETA,12ALPHA)-3,12-DIHYDROXYCHOLAN-24-OIC ACID' 'C24 H40 O4'
GOL non-polymer GLYCEROL 'C3 H8 O3'
#
# COMPACT_ATOMS: atom_id res chain seq x y z
N SER A 9 -0.28 -41.05 -0.35
CA SER A 9 -0.23 -42.27 -1.23
C SER A 9 1.07 -42.36 -2.01
N GLY A 10 2.04 -43.07 -1.43
CA GLY A 10 3.33 -43.27 -2.07
C GLY A 10 4.23 -42.05 -2.21
N TYR A 11 4.10 -41.37 -3.34
CA TYR A 11 4.90 -40.18 -3.65
C TYR A 11 4.32 -38.92 -3.01
N LEU A 12 3.05 -39.00 -2.62
CA LEU A 12 2.37 -37.87 -1.99
C LEU A 12 3.01 -37.56 -0.64
N ASP A 13 3.41 -38.63 0.04
CA ASP A 13 4.03 -38.50 1.36
C ASP A 13 5.21 -37.53 1.35
N ASP A 14 5.95 -37.51 0.24
CA ASP A 14 7.09 -36.60 0.09
C ASP A 14 6.58 -35.18 0.05
N VAL A 15 5.53 -34.98 -0.74
CA VAL A 15 4.92 -33.67 -0.90
C VAL A 15 4.44 -33.15 0.45
N SER A 16 3.86 -34.03 1.25
CA SER A 16 3.37 -33.64 2.56
C SER A 16 4.50 -33.12 3.44
N ALA A 17 5.67 -33.75 3.34
CA ALA A 17 6.84 -33.33 4.12
C ALA A 17 7.25 -31.91 3.71
N LYS A 18 7.31 -31.68 2.40
CA LYS A 18 7.68 -30.39 1.84
C LYS A 18 6.86 -29.24 2.42
N PHE A 19 5.57 -29.51 2.67
CA PHE A 19 4.73 -28.47 3.26
C PHE A 19 5.16 -28.27 4.71
N ASP A 20 5.32 -29.37 5.43
CA ASP A 20 5.73 -29.32 6.82
C ASP A 20 7.02 -28.54 6.96
N THR A 21 8.03 -28.92 6.19
CA THR A 21 9.32 -28.23 6.22
C THR A 21 9.12 -26.76 5.85
N GLY A 22 8.36 -26.53 4.77
CA GLY A 22 8.10 -25.18 4.34
C GLY A 22 7.46 -24.37 5.44
N VAL A 23 6.42 -24.94 6.06
CA VAL A 23 5.74 -24.26 7.15
C VAL A 23 6.74 -23.94 8.26
N ASP A 24 7.61 -24.91 8.55
CA ASP A 24 8.62 -24.72 9.60
C ASP A 24 9.59 -23.61 9.20
N ASN A 25 10.13 -23.71 7.98
CA ASN A 25 11.06 -22.70 7.48
C ASN A 25 10.48 -21.29 7.49
N LEU A 26 9.25 -21.15 7.03
CA LEU A 26 8.59 -19.84 6.97
C LEU A 26 8.35 -19.26 8.35
N GLN A 27 7.88 -20.10 9.25
CA GLN A 27 7.61 -19.72 10.63
C GLN A 27 8.85 -18.98 11.15
N THR A 28 10.02 -19.49 10.77
CA THR A 28 11.30 -18.90 11.18
C THR A 28 11.61 -17.59 10.44
N GLN A 29 11.33 -17.55 9.13
CA GLN A 29 11.57 -16.36 8.34
C GLN A 29 10.64 -15.22 8.76
N VAL A 30 9.44 -15.57 9.23
CA VAL A 30 8.51 -14.54 9.69
C VAL A 30 9.11 -13.86 10.91
N THR A 31 9.74 -14.65 11.77
CA THR A 31 10.38 -14.12 12.97
C THR A 31 11.58 -13.25 12.56
N GLU A 32 12.46 -13.82 11.73
CA GLU A 32 13.63 -13.08 11.27
C GLU A 32 13.21 -11.75 10.64
N ALA A 33 12.14 -11.76 9.85
CA ALA A 33 11.69 -10.54 9.21
C ALA A 33 11.11 -9.56 10.21
N LEU A 34 10.40 -10.06 11.22
CA LEU A 34 9.80 -9.17 12.22
C LEU A 34 10.92 -8.48 13.01
N ASP A 35 12.00 -9.22 13.26
CA ASP A 35 13.12 -8.62 13.97
C ASP A 35 13.72 -7.49 13.13
N LYS A 36 14.15 -7.79 11.91
CA LYS A 36 14.73 -6.76 11.04
C LYS A 36 13.88 -5.48 11.03
N LEU A 37 12.57 -5.65 11.00
CA LEU A 37 11.67 -4.49 11.00
C LEU A 37 11.73 -3.75 12.33
N ALA A 38 11.78 -4.50 13.44
CA ALA A 38 11.84 -3.90 14.76
C ALA A 38 12.97 -2.88 14.83
N ALA A 39 14.14 -3.25 14.29
CA ALA A 39 15.29 -2.36 14.29
C ALA A 39 15.09 -1.09 13.46
N LYS A 40 14.19 -1.12 12.47
CA LYS A 40 13.94 0.08 11.67
C LYS A 40 12.44 0.13 11.35
N PRO A 41 11.62 0.21 12.41
CA PRO A 41 10.15 0.26 12.44
C PRO A 41 9.43 1.08 11.38
N SER A 42 10.01 2.17 10.91
CA SER A 42 9.30 2.95 9.92
C SER A 42 9.69 2.69 8.46
N ASP A 43 10.47 1.64 8.21
CA ASP A 43 10.86 1.34 6.83
C ASP A 43 9.77 0.60 6.05
N PRO A 44 9.33 1.20 4.94
CA PRO A 44 8.29 0.68 4.03
C PRO A 44 8.57 -0.74 3.54
N ALA A 45 9.80 -0.95 3.10
CA ALA A 45 10.22 -2.24 2.56
C ALA A 45 10.36 -3.33 3.61
N LEU A 46 10.81 -2.97 4.81
CA LEU A 46 10.95 -3.97 5.84
C LEU A 46 9.57 -4.43 6.29
N LEU A 47 8.63 -3.50 6.36
CA LEU A 47 7.29 -3.86 6.75
C LEU A 47 6.70 -4.84 5.74
N ALA A 48 6.81 -4.52 4.44
CA ALA A 48 6.26 -5.39 3.41
C ALA A 48 6.93 -6.76 3.40
N ALA A 49 8.24 -6.81 3.61
CA ALA A 49 8.90 -8.12 3.60
C ALA A 49 8.29 -8.99 4.73
N TYR A 50 8.19 -8.41 5.93
CA TYR A 50 7.61 -9.12 7.06
C TYR A 50 6.22 -9.65 6.71
N GLN A 51 5.39 -8.77 6.18
CA GLN A 51 4.02 -9.11 5.84
C GLN A 51 3.92 -10.11 4.70
N SER A 52 4.83 -10.04 3.75
CA SER A 52 4.79 -11.01 2.68
C SER A 52 5.05 -12.39 3.33
N LYS A 53 6.03 -12.45 4.22
CA LYS A 53 6.38 -13.70 4.89
C LYS A 53 5.19 -14.26 5.66
N LEU A 54 4.47 -13.38 6.34
CA LEU A 54 3.31 -13.78 7.12
C LEU A 54 2.26 -14.37 6.16
N SER A 55 1.99 -13.61 5.09
CA SER A 55 1.03 -14.05 4.10
C SER A 55 1.47 -15.41 3.59
N GLU A 56 2.76 -15.56 3.28
CA GLU A 56 3.28 -16.81 2.77
C GLU A 56 3.18 -17.91 3.82
N TYR A 57 3.42 -17.55 5.08
CA TYR A 57 3.32 -18.51 6.17
C TYR A 57 1.88 -19.01 6.24
N ASN A 58 0.93 -18.08 6.21
CA ASN A 58 -0.48 -18.45 6.28
C ASN A 58 -0.86 -19.33 5.09
N LEU A 59 -0.24 -19.07 3.94
CA LEU A 59 -0.52 -19.83 2.72
C LEU A 59 -0.10 -21.28 2.86
N TYR A 60 1.11 -21.53 3.36
CA TYR A 60 1.56 -22.91 3.49
C TYR A 60 0.75 -23.65 4.56
N ARG A 61 0.33 -22.94 5.60
CA ARG A 61 -0.47 -23.58 6.63
C ARG A 61 -1.80 -23.94 6.01
N ASN A 62 -2.28 -23.05 5.14
CA ASN A 62 -3.54 -23.25 4.42
C ASN A 62 -3.42 -24.58 3.66
N ALA A 63 -2.38 -24.68 2.84
CA ALA A 63 -2.15 -25.89 2.05
C ALA A 63 -2.07 -27.08 2.98
N GLN A 64 -1.28 -26.93 4.04
CA GLN A 64 -1.08 -27.96 5.03
C GLN A 64 -2.41 -28.50 5.54
N SER A 65 -3.34 -27.63 5.86
CA SER A 65 -4.64 -28.04 6.38
C SER A 65 -5.57 -28.63 5.33
N ASN A 66 -5.24 -28.46 4.05
CA ASN A 66 -6.06 -28.98 2.96
C ASN A 66 -5.39 -30.17 2.28
N THR A 67 -4.38 -30.70 2.94
CA THR A 67 -3.61 -31.83 2.45
C THR A 67 -4.48 -32.99 1.96
N VAL A 68 -5.38 -33.46 2.81
CA VAL A 68 -6.23 -34.58 2.44
C VAL A 68 -7.03 -34.34 1.16
N LYS A 69 -7.85 -33.29 1.15
CA LYS A 69 -8.66 -33.00 -0.02
C LYS A 69 -7.84 -32.86 -1.30
N VAL A 70 -6.79 -32.05 -1.22
CA VAL A 70 -5.93 -31.81 -2.37
C VAL A 70 -5.20 -33.04 -2.88
N PHE A 71 -4.51 -33.76 -1.99
CA PHE A 71 -3.76 -34.95 -2.39
C PHE A 71 -4.65 -35.98 -3.07
N LYS A 72 -5.88 -36.08 -2.59
CA LYS A 72 -6.84 -37.02 -3.15
C LYS A 72 -7.03 -36.72 -4.65
N ASP A 73 -7.46 -35.50 -4.94
CA ASP A 73 -7.70 -35.10 -6.33
C ASP A 73 -6.46 -35.20 -7.19
N ILE A 74 -5.34 -34.70 -6.67
CA ILE A 74 -4.10 -34.77 -7.43
C ILE A 74 -3.73 -36.20 -7.77
N ASP A 75 -3.82 -37.09 -6.79
CA ASP A 75 -3.50 -38.50 -6.98
C ASP A 75 -4.35 -39.07 -8.10
N ALA A 76 -5.65 -38.83 -8.03
CA ALA A 76 -6.57 -39.30 -9.06
C ALA A 76 -6.02 -38.86 -10.40
N ALA A 77 -5.92 -37.54 -10.57
CA ALA A 77 -5.41 -36.92 -11.79
C ALA A 77 -4.09 -37.56 -12.24
N ILE A 78 -3.24 -37.89 -11.27
CA ILE A 78 -1.95 -38.51 -11.54
C ILE A 78 -2.12 -39.91 -12.13
N ILE A 79 -3.07 -40.66 -11.59
CA ILE A 79 -3.33 -42.02 -12.05
C ILE A 79 -3.87 -42.04 -13.47
N GLN A 80 -3.16 -41.37 -14.36
CA GLN A 80 -3.54 -41.31 -15.78
C GLN A 80 -2.43 -40.55 -16.53
N ASN A 81 -1.25 -40.82 -16.26
N ILE A 91 5.33 -38.88 -17.88
CA ILE A 91 4.39 -37.78 -17.50
C ILE A 91 5.13 -36.45 -17.36
N SER A 92 4.92 -35.59 -18.37
CA SER A 92 5.54 -34.27 -18.45
C SER A 92 5.54 -33.45 -17.16
N ASP A 93 6.53 -32.57 -17.02
CA ASP A 93 6.59 -31.70 -15.84
C ASP A 93 5.51 -30.64 -15.98
N ALA A 94 5.37 -30.13 -17.20
CA ALA A 94 4.36 -29.12 -17.50
C ALA A 94 3.00 -29.73 -17.23
N GLU A 95 2.86 -31.01 -17.54
CA GLU A 95 1.61 -31.72 -17.32
C GLU A 95 1.35 -31.85 -15.83
N ILE A 96 2.40 -32.13 -15.06
CA ILE A 96 2.26 -32.25 -13.60
C ILE A 96 1.77 -30.90 -13.08
N TRP A 97 2.48 -29.85 -13.48
CA TRP A 97 2.14 -28.49 -13.06
C TRP A 97 0.68 -28.16 -13.36
N ASP A 98 0.22 -28.54 -14.54
CA ASP A 98 -1.15 -28.27 -14.93
C ASP A 98 -2.17 -28.98 -14.04
N MET A 99 -1.99 -30.28 -13.80
CA MET A 99 -2.92 -31.00 -12.95
C MET A 99 -2.93 -30.44 -11.53
N VAL A 100 -1.77 -30.00 -11.04
CA VAL A 100 -1.73 -29.42 -9.70
C VAL A 100 -2.56 -28.13 -9.73
N SER A 101 -2.35 -27.34 -10.78
CA SER A 101 -3.03 -26.05 -10.96
C SER A 101 -4.56 -26.10 -10.90
N GLN A 102 -5.16 -27.16 -11.45
CA GLN A 102 -6.62 -27.28 -11.43
C GLN A 102 -7.14 -28.22 -10.35
N ASN A 103 -6.28 -28.63 -9.42
CA ASN A 103 -6.72 -29.52 -8.35
C ASN A 103 -6.40 -29.01 -6.93
N ILE A 104 -6.34 -27.69 -6.77
CA ILE A 104 -6.05 -27.08 -5.47
C ILE A 104 -6.96 -25.90 -5.12
N SER A 105 -8.21 -25.95 -5.59
CA SER A 105 -9.15 -24.87 -5.33
C SER A 105 -9.41 -24.67 -3.84
N ALA A 106 -9.22 -25.72 -3.06
CA ALA A 106 -9.41 -25.63 -1.62
C ALA A 106 -8.52 -24.49 -1.10
N ILE A 107 -7.28 -24.50 -1.57
CA ILE A 107 -6.28 -23.51 -1.21
C ILE A 107 -6.53 -22.20 -1.97
N GLY A 108 -6.66 -22.32 -3.30
CA GLY A 108 -6.88 -21.16 -4.15
C GLY A 108 -8.06 -20.29 -3.74
N ASP A 109 -9.21 -20.92 -3.53
CA ASP A 109 -10.42 -20.20 -3.15
C ASP A 109 -10.34 -19.55 -1.76
N SER A 110 -9.58 -20.16 -0.85
CA SER A 110 -9.44 -19.62 0.50
C SER A 110 -8.25 -18.67 0.64
N TYR A 111 -7.57 -18.38 -0.46
CA TYR A 111 -6.44 -17.46 -0.41
C TYR A 111 -6.66 -16.41 -1.50
N LEU A 112 -6.38 -16.76 -2.75
CA LEU A 112 -6.59 -15.81 -3.83
C LEU A 112 -8.08 -15.42 -3.91
N GLY A 113 -8.97 -16.40 -3.75
CA GLY A 113 -10.40 -16.10 -3.80
C GLY A 113 -10.76 -15.01 -2.81
N VAL A 114 -10.22 -15.11 -1.59
CA VAL A 114 -10.47 -14.09 -0.57
C VAL A 114 -9.98 -12.72 -1.05
N TYR A 115 -8.71 -12.64 -1.48
CA TYR A 115 -8.16 -11.37 -1.96
C TYR A 115 -8.99 -10.79 -3.09
N GLU A 116 -9.40 -11.63 -4.03
CA GLU A 116 -10.22 -11.19 -5.16
C GLU A 116 -11.45 -10.49 -4.59
N ASN A 117 -12.07 -11.11 -3.59
CA ASN A 117 -13.25 -10.56 -2.95
C ASN A 117 -12.95 -9.29 -2.16
N VAL A 118 -11.81 -9.28 -1.47
CA VAL A 118 -11.43 -8.11 -0.69
C VAL A 118 -11.34 -6.88 -1.58
N VAL A 119 -10.65 -7.02 -2.70
CA VAL A 119 -10.49 -5.91 -3.62
C VAL A 119 -11.77 -5.53 -4.38
N ALA A 120 -12.59 -6.52 -4.74
CA ALA A 120 -13.85 -6.24 -5.43
C ALA A 120 -14.77 -5.41 -4.52
N VAL A 121 -14.92 -5.87 -3.28
CA VAL A 121 -15.76 -5.17 -2.32
C VAL A 121 -15.24 -3.78 -1.95
N TYR A 122 -13.93 -3.66 -1.72
CA TYR A 122 -13.38 -2.36 -1.35
C TYR A 122 -13.48 -1.36 -2.51
N THR A 123 -13.42 -1.86 -3.73
CA THR A 123 -13.53 -1.00 -4.91
C THR A 123 -14.96 -0.47 -4.99
N ASP A 124 -15.94 -1.35 -4.82
CA ASP A 124 -17.33 -0.89 -4.86
C ASP A 124 -17.56 0.11 -3.73
N PHE A 125 -16.98 -0.16 -2.57
CA PHE A 125 -17.14 0.76 -1.44
C PHE A 125 -16.55 2.12 -1.81
N TYR A 126 -15.37 2.13 -2.39
CA TYR A 126 -14.75 3.39 -2.74
C TYR A 126 -15.53 4.12 -3.84
N GLN A 127 -16.09 3.38 -4.78
CA GLN A 127 -16.84 4.00 -5.86
C GLN A 127 -18.08 4.70 -5.32
N ALA A 128 -18.72 4.08 -4.33
CA ALA A 128 -19.90 4.64 -3.72
C ALA A 128 -19.56 6.02 -3.17
N PHE A 129 -18.35 6.14 -2.62
CA PHE A 129 -17.90 7.41 -2.07
C PHE A 129 -17.68 8.40 -3.20
N SER A 130 -17.00 7.97 -4.24
CA SER A 130 -16.72 8.82 -5.39
C SER A 130 -18.02 9.47 -5.87
N ASP A 131 -19.07 8.66 -5.96
CA ASP A 131 -20.36 9.18 -6.42
C ASP A 131 -20.82 10.35 -5.54
N ILE A 132 -20.52 10.30 -4.24
CA ILE A 132 -20.91 11.39 -3.35
C ILE A 132 -20.10 12.65 -3.67
N LEU A 133 -18.81 12.48 -3.95
CA LEU A 133 -17.94 13.61 -4.27
C LEU A 133 -18.47 14.36 -5.48
N SER A 134 -19.06 13.61 -6.41
CA SER A 134 -19.59 14.16 -7.64
C SER A 134 -20.50 15.37 -7.47
N LYS A 135 -21.20 15.46 -6.34
CA LYS A 135 -22.09 16.60 -6.12
C LYS A 135 -21.62 17.59 -5.07
N MET A 136 -20.30 17.80 -5.00
CA MET A 136 -19.74 18.74 -4.04
C MET A 136 -20.01 20.19 -4.46
N GLY A 137 -19.74 20.48 -5.73
CA GLY A 137 -19.98 21.83 -6.21
C GLY A 137 -21.40 22.23 -5.88
N GLY A 138 -22.33 21.32 -6.13
CA GLY A 138 -23.73 21.58 -5.83
C GLY A 138 -23.97 22.02 -4.40
N TRP A 139 -22.99 21.83 -3.53
CA TRP A 139 -23.14 22.21 -2.14
C TRP A 139 -22.29 23.43 -1.76
N LEU A 140 -21.82 24.15 -2.77
CA LEU A 140 -20.99 25.33 -2.54
C LEU A 140 -21.45 26.51 -3.39
N THR A 148 -15.05 34.70 1.15
CA THR A 148 -15.59 33.64 2.00
C THR A 148 -16.39 32.67 1.15
N VAL A 149 -16.80 31.55 1.75
CA VAL A 149 -17.57 30.54 1.03
C VAL A 149 -18.70 29.97 1.88
N LYS A 150 -19.73 29.46 1.20
CA LYS A 150 -20.86 28.85 1.90
C LYS A 150 -21.03 27.41 1.41
N LEU A 151 -20.91 26.47 2.34
CA LEU A 151 -21.01 25.04 2.07
C LEU A 151 -22.27 24.41 2.63
N ASP A 152 -22.96 23.61 1.82
CA ASP A 152 -24.17 22.95 2.28
C ASP A 152 -23.77 21.84 3.26
N VAL A 153 -23.28 22.26 4.42
CA VAL A 153 -22.85 21.34 5.46
C VAL A 153 -23.87 20.22 5.71
N THR A 154 -25.06 20.59 6.15
CA THR A 154 -26.12 19.61 6.44
C THR A 154 -26.36 18.52 5.41
N SER A 155 -26.37 18.86 4.12
CA SER A 155 -26.63 17.85 3.10
C SER A 155 -25.42 16.96 2.78
N LEU A 156 -24.22 17.52 2.84
CA LEU A 156 -23.02 16.71 2.56
C LEU A 156 -22.92 15.68 3.68
N LYS A 157 -22.98 16.15 4.93
CA LYS A 157 -22.90 15.27 6.09
C LYS A 157 -24.00 14.20 6.09
N ASN A 158 -25.13 14.48 5.45
CA ASN A 158 -26.23 13.54 5.39
C ASN A 158 -25.88 12.36 4.48
N ASP A 159 -25.20 12.64 3.38
CA ASP A 159 -24.80 11.59 2.46
C ASP A 159 -23.68 10.76 3.05
N LEU A 160 -22.75 11.42 3.73
CA LEU A 160 -21.63 10.73 4.36
C LEU A 160 -22.19 9.81 5.43
N ASN A 161 -23.01 10.36 6.32
CA ASN A 161 -23.59 9.57 7.39
C ASN A 161 -24.42 8.42 6.85
N SER A 162 -25.05 8.59 5.70
CA SER A 162 -25.85 7.52 5.13
C SER A 162 -24.91 6.45 4.56
N LEU A 163 -23.80 6.90 3.99
CA LEU A 163 -22.82 5.99 3.41
C LEU A 163 -22.27 5.12 4.55
N VAL A 164 -21.94 5.75 5.65
CA VAL A 164 -21.42 5.06 6.82
C VAL A 164 -22.39 3.97 7.29
N ASN A 165 -23.63 4.35 7.57
CA ASN A 165 -24.62 3.40 8.04
C ASN A 165 -24.82 2.23 7.10
N LYS A 166 -24.70 2.49 5.80
CA LYS A 166 -24.87 1.42 4.84
C LYS A 166 -23.71 0.43 4.93
N TYR A 167 -22.50 0.94 4.83
CA TYR A 167 -21.32 0.11 4.88
C TYR A 167 -20.92 -0.30 6.28
N ASN A 168 -21.73 0.08 7.26
CA ASN A 168 -21.45 -0.29 8.64
C ASN A 168 -22.25 -1.53 8.99
N GLN A 169 -22.96 -2.06 8.00
CA GLN A 169 -23.76 -3.26 8.19
C GLN A 169 -22.95 -4.48 7.77
N ILE A 170 -23.56 -5.65 7.90
CA ILE A 170 -22.91 -6.89 7.51
C ILE A 170 -23.69 -7.59 6.41
N ASN A 171 -23.22 -7.40 5.18
CA ASN A 171 -23.84 -8.00 4.01
C ASN A 171 -22.81 -8.11 2.89
N SER A 172 -23.26 -8.48 1.70
CA SER A 172 -22.37 -8.67 0.56
C SER A 172 -21.74 -7.38 0.03
N ASN A 173 -22.09 -6.24 0.61
CA ASN A 173 -21.51 -5.00 0.14
C ASN A 173 -20.45 -4.50 1.11
N THR A 174 -20.43 -5.09 2.29
CA THR A 174 -19.50 -4.67 3.35
C THR A 174 -18.43 -5.67 3.77
N VAL A 175 -18.70 -6.96 3.57
CA VAL A 175 -17.75 -7.98 4.02
C VAL A 175 -16.60 -8.35 3.10
N LEU A 176 -15.38 -8.19 3.62
CA LEU A 176 -14.16 -8.49 2.89
C LEU A 176 -13.79 -9.95 3.04
N PHE A 177 -13.97 -10.48 4.25
CA PHE A 177 -13.69 -11.90 4.57
C PHE A 177 -14.65 -12.39 5.66
N PRO A 178 -15.27 -13.56 5.47
CA PRO A 178 -15.16 -14.48 4.33
C PRO A 178 -15.85 -13.89 3.11
N ALA A 179 -15.67 -14.52 1.96
CA ALA A 179 -16.34 -14.08 0.75
C ALA A 179 -17.80 -14.52 0.93
N GLN A 180 -18.74 -13.64 0.64
CA GLN A 180 -20.15 -13.98 0.83
C GLN A 180 -20.74 -14.62 -0.43
N SER A 181 -20.72 -15.95 -0.47
CA SER A 181 -21.23 -16.67 -1.61
C SER A 181 -22.76 -16.78 -1.66
N GLY A 182 -23.38 -15.86 -2.38
CA GLY A 182 -24.83 -15.88 -2.54
C GLY A 182 -25.68 -15.24 -1.45
N SER A 183 -26.86 -15.82 -1.25
CA SER A 183 -27.82 -15.35 -0.26
C SER A 183 -27.47 -15.84 1.15
N GLY A 184 -27.49 -14.93 2.11
CA GLY A 184 -27.16 -15.28 3.48
C GLY A 184 -25.83 -14.67 3.93
N VAL A 185 -25.46 -14.93 5.19
CA VAL A 185 -24.21 -14.39 5.71
C VAL A 185 -23.26 -15.48 6.20
N LYS A 186 -22.08 -15.53 5.59
CA LYS A 186 -21.06 -16.51 5.94
C LYS A 186 -20.04 -15.86 6.86
N VAL A 187 -19.80 -16.50 8.00
CA VAL A 187 -18.87 -15.98 8.97
C VAL A 187 -17.71 -16.92 9.16
N ALA A 188 -16.78 -16.55 10.02
CA ALA A 188 -15.62 -17.38 10.30
C ALA A 188 -15.35 -17.35 11.79
N THR A 189 -14.44 -18.20 12.24
CA THR A 189 -14.07 -18.23 13.64
C THR A 189 -13.33 -16.91 13.88
N GLU A 190 -13.15 -16.53 15.13
CA GLU A 190 -12.46 -15.30 15.49
C GLU A 190 -11.00 -15.30 15.04
N ALA A 191 -10.31 -16.41 15.28
CA ALA A 191 -8.90 -16.56 14.90
C ALA A 191 -8.72 -16.44 13.39
N GLU A 192 -9.65 -17.02 12.63
CA GLU A 192 -9.56 -16.94 11.19
C GLU A 192 -9.72 -15.50 10.75
N ALA A 193 -10.79 -14.85 11.22
CA ALA A 193 -11.01 -13.48 10.85
C ALA A 193 -9.87 -12.57 11.34
N ARG A 194 -9.33 -12.87 12.52
CA ARG A 194 -8.24 -12.04 13.03
C ARG A 194 -6.96 -12.23 12.21
N GLN A 195 -6.80 -13.42 11.66
CA GLN A 195 -5.62 -13.68 10.84
C GLN A 195 -5.73 -12.82 9.58
N TRP A 196 -6.92 -12.77 8.97
CA TRP A 196 -7.10 -11.97 7.76
C TRP A 196 -7.06 -10.49 8.10
N LEU A 197 -7.43 -10.16 9.32
CA LEU A 197 -7.41 -8.78 9.76
C LEU A 197 -5.93 -8.35 9.77
N SER A 198 -5.08 -9.22 10.32
CA SER A 198 -3.65 -8.93 10.40
C SER A 198 -2.97 -8.97 9.03
N GLU A 199 -3.39 -9.90 8.18
CA GLU A 199 -2.78 -9.98 6.86
C GLU A 199 -3.13 -8.76 6.02
N LEU A 200 -4.37 -8.30 6.12
CA LEU A 200 -4.80 -7.13 5.35
C LEU A 200 -4.35 -5.86 6.06
N ASN A 201 -3.89 -6.01 7.29
CA ASN A 201 -3.40 -4.88 8.08
C ASN A 201 -4.48 -3.84 8.31
N LEU A 202 -5.70 -4.29 8.58
CA LEU A 202 -6.83 -3.40 8.81
C LEU A 202 -7.02 -3.17 10.30
N PRO A 203 -7.66 -2.06 10.67
CA PRO A 203 -7.91 -1.75 12.08
C PRO A 203 -8.97 -2.63 12.72
N ASN A 204 -8.92 -2.73 14.03
CA ASN A 204 -9.84 -3.54 14.81
C ASN A 204 -11.30 -3.21 14.57
N SER A 205 -11.56 -2.01 14.09
CA SER A 205 -12.93 -1.60 13.83
C SER A 205 -13.50 -2.42 12.67
N CYS A 206 -12.61 -3.03 11.88
CA CYS A 206 -13.04 -3.82 10.74
C CYS A 206 -13.47 -5.23 11.10
N LEU A 207 -13.11 -5.67 12.30
CA LEU A 207 -13.45 -7.01 12.81
C LEU A 207 -14.82 -6.95 13.47
N LYS A 208 -15.79 -7.68 12.93
CA LYS A 208 -17.13 -7.69 13.51
C LYS A 208 -17.69 -9.08 13.78
N SER A 209 -18.47 -9.19 14.86
CA SER A 209 -19.09 -10.45 15.22
C SER A 209 -20.47 -10.54 14.58
N TYR A 210 -20.92 -11.77 14.34
CA TYR A 210 -22.21 -12.02 13.73
C TYR A 210 -22.52 -13.49 13.89
N GLY A 211 -23.72 -13.80 14.35
CA GLY A 211 -24.11 -15.19 14.53
C GLY A 211 -23.07 -15.97 15.30
N SER A 212 -22.63 -17.10 14.75
CA SER A 212 -21.65 -17.92 15.46
C SER A 212 -20.20 -17.46 15.33
N GLY A 213 -19.92 -16.50 14.46
CA GLY A 213 -18.53 -16.10 14.30
C GLY A 213 -18.13 -14.66 14.10
N TYR A 214 -17.23 -14.44 13.14
CA TYR A 214 -16.70 -13.12 12.87
C TYR A 214 -16.50 -12.88 11.38
N VAL A 215 -16.41 -11.61 11.02
CA VAL A 215 -16.19 -11.21 9.64
C VAL A 215 -15.26 -9.98 9.65
N VAL A 216 -14.67 -9.69 8.50
CA VAL A 216 -13.81 -8.51 8.34
C VAL A 216 -14.51 -7.60 7.34
N THR A 217 -14.81 -6.36 7.73
CA THR A 217 -15.49 -5.41 6.84
C THR A 217 -14.61 -4.22 6.49
N VAL A 218 -15.09 -3.38 5.57
CA VAL A 218 -14.35 -2.19 5.14
C VAL A 218 -14.12 -1.23 6.30
N ASP A 219 -13.02 -0.47 6.21
CA ASP A 219 -12.65 0.51 7.22
C ASP A 219 -13.44 1.80 6.96
N LEU A 220 -14.25 2.20 7.94
CA LEU A 220 -15.08 3.40 7.83
C LEU A 220 -14.44 4.61 8.51
N THR A 221 -13.30 4.40 9.15
CA THR A 221 -12.63 5.47 9.86
C THR A 221 -12.49 6.79 9.09
N PRO A 222 -12.09 6.74 7.80
CA PRO A 222 -11.99 8.03 7.11
C PRO A 222 -13.33 8.77 7.00
N LEU A 223 -14.38 8.07 6.59
CA LEU A 223 -15.70 8.69 6.46
C LEU A 223 -16.17 9.30 7.78
N GLN A 224 -16.06 8.53 8.86
CA GLN A 224 -16.46 9.01 10.17
C GLN A 224 -15.66 10.24 10.57
N LYS A 225 -14.39 10.28 10.18
CA LYS A 225 -13.54 11.42 10.51
C LYS A 225 -14.06 12.64 9.74
N MET A 226 -14.52 12.40 8.51
CA MET A 226 -15.06 13.46 7.66
C MET A 226 -16.28 14.14 8.28
N VAL A 227 -17.37 13.38 8.48
CA VAL A 227 -18.58 13.96 9.07
C VAL A 227 -18.22 14.59 10.40
N GLN A 228 -17.26 13.97 11.09
CA GLN A 228 -16.79 14.46 12.37
C GLN A 228 -16.22 15.86 12.22
N ASP A 229 -15.38 16.05 11.19
CA ASP A 229 -14.76 17.36 10.95
C ASP A 229 -15.76 18.40 10.46
N ILE A 230 -16.81 17.93 9.79
CA ILE A 230 -17.83 18.84 9.29
C ILE A 230 -18.50 19.44 10.53
N ASP A 231 -18.66 18.62 11.56
CA ASP A 231 -19.26 19.04 12.82
C ASP A 231 -18.41 20.14 13.46
N GLY A 232 -17.11 20.05 13.27
CA GLY A 232 -16.20 21.03 13.84
C GLY A 232 -16.25 22.38 13.15
N LEU A 233 -16.90 22.44 11.98
CA LEU A 233 -17.02 23.69 11.25
C LEU A 233 -17.97 24.63 11.98
N GLY A 234 -18.91 24.03 12.72
CA GLY A 234 -19.89 24.79 13.47
C GLY A 234 -21.32 24.53 13.03
N ALA A 235 -22.28 24.95 13.83
CA ALA A 235 -23.68 24.77 13.50
C ALA A 235 -24.02 25.66 12.31
N PRO A 236 -24.82 25.16 11.38
CA PRO A 236 -25.25 25.90 10.19
C PRO A 236 -26.33 26.92 10.53
N GLY A 237 -26.76 27.70 9.55
CA GLY A 237 -27.80 28.68 9.79
C GLY A 237 -29.15 28.35 9.18
N LYS A 238 -29.83 29.37 8.68
CA LYS A 238 -31.14 29.22 8.08
C LYS A 238 -31.08 28.25 6.90
N ASP A 239 -30.21 28.54 5.95
CA ASP A 239 -30.02 27.69 4.78
C ASP A 239 -29.70 26.30 5.29
N SER A 240 -29.41 26.20 6.58
CA SER A 240 -29.03 24.95 7.22
C SER A 240 -27.62 24.70 6.69
N LYS A 241 -27.13 25.69 5.95
CA LYS A 241 -25.81 25.65 5.34
C LYS A 241 -24.87 26.43 6.25
N LEU A 242 -23.64 26.63 5.80
CA LEU A 242 -22.69 27.36 6.61
C LEU A 242 -21.63 28.07 5.77
N GLU A 243 -21.57 29.39 5.96
CA GLU A 243 -20.62 30.21 5.24
C GLU A 243 -19.41 30.40 6.14
N MET A 244 -18.22 30.43 5.55
CA MET A 244 -16.98 30.60 6.29
C MET A 244 -15.96 31.30 5.41
N ASP A 245 -15.00 32.00 6.02
CA ASP A 245 -13.99 32.70 5.25
C ASP A 245 -13.07 31.69 4.57
N ASN A 246 -12.33 32.14 3.56
CA ASN A 246 -11.44 31.24 2.82
C ASN A 246 -10.44 30.43 3.64
N ALA A 247 -9.88 31.03 4.69
CA ALA A 247 -8.91 30.32 5.52
C ALA A 247 -9.52 29.07 6.15
N LYS A 248 -10.67 29.25 6.80
CA LYS A 248 -11.37 28.15 7.46
C LYS A 248 -11.83 27.10 6.45
N TYR A 249 -12.16 27.55 5.25
CA TYR A 249 -12.61 26.63 4.21
C TYR A 249 -11.47 25.81 3.63
N GLN A 250 -10.34 26.46 3.37
CA GLN A 250 -9.18 25.76 2.81
C GLN A 250 -8.72 24.65 3.74
N ALA A 251 -8.66 24.95 5.03
CA ALA A 251 -8.23 23.98 6.02
C ALA A 251 -9.23 22.82 6.10
N TRP A 252 -10.51 23.10 5.85
CA TRP A 252 -11.51 22.04 5.89
C TRP A 252 -11.42 21.20 4.62
N GLN A 253 -11.32 21.87 3.49
CA GLN A 253 -11.23 21.19 2.20
C GLN A 253 -10.00 20.26 2.16
N SER A 254 -8.91 20.70 2.78
CA SER A 254 -7.68 19.92 2.82
C SER A 254 -7.79 18.70 3.73
N GLY A 255 -8.37 18.90 4.92
CA GLY A 255 -8.53 17.79 5.84
C GLY A 255 -9.48 16.78 5.23
N PHE A 256 -10.43 17.26 4.43
CA PHE A 256 -11.40 16.41 3.78
C PHE A 256 -10.74 15.58 2.68
N LYS A 257 -9.97 16.25 1.84
CA LYS A 257 -9.29 15.57 0.74
C LYS A 257 -8.32 14.54 1.25
N ALA A 258 -7.69 14.85 2.38
CA ALA A 258 -6.74 13.94 3.01
C ALA A 258 -7.44 12.64 3.43
N GLN A 259 -8.68 12.74 3.90
CA GLN A 259 -9.40 11.53 4.32
C GLN A 259 -9.75 10.71 3.09
N GLU A 260 -10.12 11.38 2.02
CA GLU A 260 -10.43 10.66 0.79
C GLU A 260 -9.16 9.91 0.34
N GLU A 261 -8.01 10.57 0.46
CA GLU A 261 -6.76 9.95 0.05
C GLU A 261 -6.44 8.70 0.86
N ASN A 262 -6.82 8.71 2.14
CA ASN A 262 -6.59 7.55 2.99
C ASN A 262 -7.35 6.34 2.48
N MET A 263 -8.59 6.54 2.04
CA MET A 263 -9.38 5.44 1.54
C MET A 263 -8.76 4.93 0.25
N LYS A 264 -8.28 5.87 -0.56
CA LYS A 264 -7.65 5.57 -1.82
C LYS A 264 -6.35 4.77 -1.55
N THR A 265 -5.63 5.17 -0.51
CA THR A 265 -4.39 4.49 -0.14
C THR A 265 -4.72 3.07 0.34
N THR A 266 -5.78 2.94 1.13
CA THR A 266 -6.18 1.62 1.62
C THR A 266 -6.52 0.73 0.43
N LEU A 267 -7.32 1.23 -0.50
CA LEU A 267 -7.64 0.40 -1.65
C LEU A 267 -6.37 -0.06 -2.37
N GLN A 268 -5.40 0.85 -2.52
CA GLN A 268 -4.16 0.50 -3.22
C GLN A 268 -3.32 -0.53 -2.47
N THR A 269 -3.23 -0.45 -1.15
CA THR A 269 -2.43 -1.43 -0.40
C THR A 269 -3.03 -2.84 -0.48
N LEU A 270 -4.36 -2.92 -0.46
CA LEU A 270 -5.03 -4.21 -0.56
C LEU A 270 -4.77 -4.78 -1.95
N THR A 271 -4.76 -3.90 -2.94
CA THR A 271 -4.48 -4.33 -4.31
C THR A 271 -3.04 -4.83 -4.40
N GLN A 272 -2.10 -4.15 -3.76
CA GLN A 272 -0.71 -4.59 -3.81
C GLN A 272 -0.53 -5.91 -3.04
N LYS A 273 -1.22 -6.08 -1.91
CA LYS A 273 -1.14 -7.35 -1.16
C LYS A 273 -1.69 -8.51 -2.02
N TYR A 274 -2.77 -8.23 -2.77
CA TYR A 274 -3.35 -9.24 -3.65
C TYR A 274 -2.32 -9.64 -4.69
N SER A 275 -1.72 -8.65 -5.35
CA SER A 275 -0.72 -8.92 -6.39
C SER A 275 0.43 -9.72 -5.81
N ASN A 276 0.85 -9.38 -4.58
CA ASN A 276 1.92 -10.13 -3.92
C ASN A 276 1.44 -11.56 -3.68
N ALA A 277 0.19 -11.70 -3.23
CA ALA A 277 -0.38 -13.03 -2.96
C ALA A 277 -0.34 -13.90 -4.21
N ASN A 278 -0.65 -13.31 -5.37
CA ASN A 278 -0.64 -14.07 -6.62
C ASN A 278 0.72 -14.69 -6.87
N SER A 279 1.77 -13.90 -6.61
CA SER A 279 3.13 -14.40 -6.79
C SER A 279 3.45 -15.50 -5.78
N LEU A 280 3.09 -15.31 -4.51
CA LEU A 280 3.35 -16.34 -3.51
C LEU A 280 2.60 -17.63 -3.88
N TYR A 281 1.35 -17.47 -4.31
CA TYR A 281 0.56 -18.65 -4.69
C TYR A 281 1.27 -19.39 -5.82
N ASP A 282 1.68 -18.66 -6.87
CA ASP A 282 2.36 -19.27 -8.00
C ASP A 282 3.63 -19.98 -7.57
N ASN A 283 4.40 -19.40 -6.66
CA ASN A 283 5.61 -20.05 -6.18
C ASN A 283 5.25 -21.36 -5.46
N LEU A 284 4.20 -21.36 -4.65
CA LEU A 284 3.80 -22.58 -3.95
C LEU A 284 3.47 -23.68 -4.97
N VAL A 285 2.78 -23.31 -6.05
CA VAL A 285 2.44 -24.29 -7.08
C VAL A 285 3.71 -24.84 -7.72
N LYS A 286 4.72 -24.00 -7.90
CA LYS A 286 5.98 -24.46 -8.48
C LYS A 286 6.61 -25.49 -7.55
N VAL A 287 6.67 -25.17 -6.26
CA VAL A 287 7.25 -26.09 -5.29
C VAL A 287 6.49 -27.40 -5.33
N LEU A 288 5.18 -27.32 -5.12
CA LEU A 288 4.32 -28.49 -5.13
C LEU A 288 4.56 -29.35 -6.38
N SER A 289 4.68 -28.71 -7.53
CA SER A 289 4.90 -29.44 -8.78
C SER A 289 6.29 -30.06 -8.88
N SER A 290 7.32 -29.33 -8.46
CA SER A 290 8.69 -29.85 -8.50
C SER A 290 8.86 -31.05 -7.59
N THR A 291 8.17 -31.02 -6.46
CA THR A 291 8.24 -32.12 -5.51
C THR A 291 7.63 -33.35 -6.17
N ILE A 292 6.34 -33.26 -6.50
CA ILE A 292 5.62 -34.35 -7.14
C ILE A 292 6.45 -34.94 -8.28
N SER A 293 7.11 -34.07 -9.03
CA SER A 293 7.94 -34.51 -10.15
C SER A 293 9.10 -35.36 -9.62
N SER A 294 9.94 -34.77 -8.78
CA SER A 294 11.08 -35.49 -8.21
C SER A 294 10.63 -36.78 -7.54
N SER A 295 9.46 -36.74 -6.89
CA SER A 295 8.93 -37.92 -6.21
C SER A 295 8.54 -39.00 -7.21
N LEU A 296 8.26 -38.60 -8.46
CA LEU A 296 7.93 -39.56 -9.49
C LEU A 296 9.19 -39.86 -10.27
N GLU A 297 10.32 -39.88 -9.56
CA GLU A 297 11.60 -40.17 -10.17
C GLU A 297 12.67 -40.43 -9.11
N THR A 298 13.20 -39.46 -8.54
N ASP B 14 5.67 37.04 22.00
CA ASP B 14 5.56 35.93 22.99
C ASP B 14 5.05 34.66 22.32
N VAL B 15 4.49 34.82 21.12
CA VAL B 15 3.99 33.67 20.36
C VAL B 15 5.21 32.85 19.96
N SER B 16 6.35 33.53 19.84
CA SER B 16 7.60 32.89 19.47
C SER B 16 8.25 32.20 20.66
N ALA B 17 7.63 32.33 21.82
CA ALA B 17 8.14 31.71 23.04
C ALA B 17 7.53 30.32 23.19
N LYS B 18 6.22 30.25 22.96
CA LYS B 18 5.50 29.00 23.07
C LYS B 18 5.76 28.12 21.85
N PHE B 19 6.55 28.66 20.92
CA PHE B 19 6.89 27.92 19.71
C PHE B 19 8.20 27.16 20.01
N ASP B 20 9.15 27.86 20.61
CA ASP B 20 10.41 27.24 20.99
C ASP B 20 10.11 26.00 21.82
N THR B 21 9.12 26.13 22.70
CA THR B 21 8.71 25.05 23.59
C THR B 21 7.80 24.01 22.95
N GLY B 22 6.83 24.46 22.15
CA GLY B 22 5.92 23.54 21.50
C GLY B 22 6.64 22.47 20.70
N VAL B 23 7.67 22.89 19.97
CA VAL B 23 8.47 21.98 19.16
C VAL B 23 9.09 20.88 20.01
N ASP B 24 9.64 21.27 21.15
CA ASP B 24 10.28 20.32 22.05
C ASP B 24 9.29 19.28 22.57
N ASN B 25 8.02 19.64 22.64
CA ASN B 25 7.01 18.69 23.08
C ASN B 25 6.74 17.71 21.94
N LEU B 26 6.69 18.26 20.73
CA LEU B 26 6.47 17.46 19.52
C LEU B 26 7.59 16.44 19.42
N GLN B 27 8.82 16.95 19.37
CA GLN B 27 10.00 16.09 19.29
C GLN B 27 9.88 14.99 20.33
N THR B 28 9.38 15.35 21.52
CA THR B 28 9.19 14.40 22.59
C THR B 28 8.13 13.37 22.18
N GLN B 29 7.02 13.86 21.64
CA GLN B 29 5.98 12.97 21.19
C GLN B 29 6.52 12.06 20.08
N VAL B 30 7.16 12.66 19.08
CA VAL B 30 7.75 11.91 17.98
C VAL B 30 8.58 10.75 18.50
N THR B 31 9.57 11.08 19.33
CA THR B 31 10.43 10.06 19.90
C THR B 31 9.59 9.07 20.71
N GLU B 32 8.49 9.56 21.27
CA GLU B 32 7.59 8.73 22.06
C GLU B 32 6.85 7.71 21.19
N ALA B 33 6.15 8.22 20.18
CA ALA B 33 5.40 7.36 19.27
C ALA B 33 6.30 6.30 18.69
N LEU B 34 7.55 6.68 18.38
CA LEU B 34 8.52 5.77 17.79
C LEU B 34 8.89 4.62 18.72
N ASP B 35 9.05 4.94 20.01
CA ASP B 35 9.41 3.92 21.00
C ASP B 35 8.28 2.91 21.12
N LYS B 36 7.05 3.40 20.98
CA LYS B 36 5.86 2.57 21.05
C LYS B 36 5.83 1.67 19.80
N LEU B 37 5.92 2.28 18.63
CA LEU B 37 5.89 1.55 17.36
C LEU B 37 6.94 0.44 17.35
N ALA B 38 8.13 0.75 17.84
CA ALA B 38 9.22 -0.21 17.90
C ALA B 38 8.81 -1.43 18.71
N ALA B 39 7.99 -1.21 19.74
CA ALA B 39 7.53 -2.30 20.60
C ALA B 39 6.70 -3.28 19.77
N LYS B 40 5.77 -2.74 18.97
CA LYS B 40 4.92 -3.54 18.09
C LYS B 40 5.13 -3.00 16.69
N PRO B 41 6.28 -3.32 16.07
CA PRO B 41 6.70 -2.91 14.73
C PRO B 41 5.65 -3.00 13.62
N SER B 42 4.91 -4.10 13.58
CA SER B 42 3.93 -4.27 12.51
C SER B 42 2.56 -3.63 12.71
N ASP B 43 2.19 -3.30 13.95
CA ASP B 43 0.89 -2.70 14.18
C ASP B 43 0.72 -1.43 13.37
N PRO B 44 -0.21 -1.43 12.41
CA PRO B 44 -0.45 -0.27 11.55
C PRO B 44 -0.88 0.96 12.32
N ALA B 45 -1.50 0.75 13.49
CA ALA B 45 -1.95 1.86 14.31
C ALA B 45 -0.77 2.70 14.81
N LEU B 46 0.18 2.02 15.45
CA LEU B 46 1.36 2.69 15.97
C LEU B 46 2.18 3.38 14.89
N LEU B 47 2.23 2.80 13.70
CA LEU B 47 2.98 3.40 12.59
C LEU B 47 2.31 4.68 12.13
N ALA B 48 1.00 4.60 11.92
CA ALA B 48 0.22 5.75 11.47
C ALA B 48 0.38 6.92 12.44
N ALA B 49 0.36 6.60 13.74
CA ALA B 49 0.49 7.62 14.79
C ALA B 49 1.89 8.23 14.72
N TYR B 50 2.91 7.38 14.77
CA TYR B 50 4.28 7.85 14.68
C TYR B 50 4.45 8.73 13.43
N GLN B 51 4.03 8.23 12.27
CA GLN B 51 4.15 9.02 11.05
C GLN B 51 3.45 10.35 11.24
N SER B 52 2.24 10.29 11.78
CA SER B 52 1.45 11.49 12.00
C SER B 52 2.23 12.55 12.81
N LYS B 53 2.69 12.16 13.99
CA LYS B 53 3.43 13.07 14.88
C LYS B 53 4.69 13.65 14.23
N LEU B 54 5.48 12.78 13.61
CA LEU B 54 6.70 13.21 12.93
C LEU B 54 6.39 14.25 11.89
N SER B 55 5.28 14.04 11.17
CA SER B 55 4.87 14.98 10.13
C SER B 55 4.63 16.35 10.73
N GLU B 56 3.95 16.35 11.87
CA GLU B 56 3.62 17.55 12.61
C GLU B 56 4.89 18.28 13.08
N TYR B 57 5.77 17.55 13.75
CA TYR B 57 7.03 18.13 14.23
C TYR B 57 7.67 18.85 13.06
N ASN B 58 7.93 18.06 12.03
CA ASN B 58 8.57 18.52 10.82
C ASN B 58 7.96 19.77 10.21
N LEU B 59 6.64 19.85 10.15
CA LEU B 59 6.03 21.02 9.57
C LEU B 59 6.20 22.20 10.51
N TYR B 60 5.96 21.95 11.79
CA TYR B 60 6.05 23.00 12.80
C TYR B 60 7.48 23.45 13.11
N ARG B 61 8.45 22.57 12.98
CA ARG B 61 9.82 22.96 13.25
C ARG B 61 10.28 23.79 12.07
N ASN B 62 9.88 23.37 10.87
CA ASN B 62 10.22 24.09 9.66
C ASN B 62 9.56 25.45 9.73
N ALA B 63 8.24 25.44 9.85
CA ALA B 63 7.40 26.64 9.92
C ALA B 63 7.97 27.73 10.81
N GLN B 64 8.52 27.31 11.93
CA GLN B 64 9.09 28.21 12.93
C GLN B 64 10.22 29.05 12.37
N SER B 65 11.10 28.40 11.62
CA SER B 65 12.22 29.07 10.97
C SER B 65 11.63 30.30 10.29
N ASN B 66 10.51 30.09 9.62
CA ASN B 66 9.81 31.16 8.90
C ASN B 66 9.12 32.08 9.91
N THR B 67 9.82 32.57 10.83
N GLY B 108 5.61 28.97 5.87
CA GLY B 108 6.02 27.58 5.47
C GLY B 108 5.95 27.16 4.02
N ASP B 109 5.24 27.89 3.14
CA ASP B 109 5.12 27.54 1.72
C ASP B 109 6.24 26.69 1.15
N SER B 110 7.47 26.96 1.59
CA SER B 110 8.66 26.19 1.15
C SER B 110 8.46 24.70 1.47
N TYR B 111 7.96 24.45 2.67
CA TYR B 111 7.67 23.10 3.19
C TYR B 111 6.83 22.32 2.18
N LEU B 112 5.73 22.91 1.72
CA LEU B 112 4.89 22.25 0.74
C LEU B 112 5.63 22.18 -0.59
N GLY B 113 6.64 23.04 -0.76
CA GLY B 113 7.42 23.02 -1.98
C GLY B 113 8.05 21.66 -2.20
N VAL B 114 8.65 21.11 -1.14
CA VAL B 114 9.27 19.79 -1.23
C VAL B 114 8.23 18.77 -1.64
N TYR B 115 7.17 18.66 -0.85
CA TYR B 115 6.10 17.72 -1.14
C TYR B 115 5.64 17.76 -2.58
N GLU B 116 5.33 18.95 -3.07
CA GLU B 116 4.89 19.08 -4.45
C GLU B 116 5.97 18.52 -5.37
N ASN B 117 7.22 18.80 -5.03
CA ASN B 117 8.36 18.33 -5.80
C ASN B 117 8.46 16.79 -5.75
N VAL B 118 8.29 16.22 -4.56
CA VAL B 118 8.37 14.77 -4.41
C VAL B 118 7.36 14.06 -5.31
N VAL B 119 6.12 14.55 -5.31
CA VAL B 119 5.07 13.94 -6.11
C VAL B 119 5.30 14.20 -7.60
N ALA B 120 5.67 15.42 -7.94
CA ALA B 120 5.91 15.75 -9.33
C ALA B 120 6.99 14.82 -9.90
N VAL B 121 8.09 14.67 -9.17
CA VAL B 121 9.17 13.80 -9.66
C VAL B 121 8.79 12.34 -9.79
N TYR B 122 8.08 11.80 -8.79
CA TYR B 122 7.70 10.39 -8.83
C TYR B 122 6.67 10.11 -9.90
N THR B 123 5.80 11.08 -10.10
CA THR B 123 4.75 10.95 -11.10
C THR B 123 5.37 10.81 -12.49
N ASP B 124 6.39 11.61 -12.77
CA ASP B 124 7.04 11.53 -14.08
C ASP B 124 7.83 10.23 -14.19
N PHE B 125 8.35 9.77 -13.05
CA PHE B 125 9.12 8.53 -13.00
C PHE B 125 8.17 7.38 -13.26
N TYR B 126 7.00 7.43 -12.63
CA TYR B 126 6.04 6.36 -12.81
C TYR B 126 5.49 6.38 -14.22
N GLN B 127 5.26 7.58 -14.76
CA GLN B 127 4.72 7.69 -16.12
C GLN B 127 5.70 7.07 -17.10
N ALA B 128 6.98 7.37 -16.91
CA ALA B 128 8.02 6.82 -17.76
C ALA B 128 7.92 5.30 -17.70
N PHE B 129 7.68 4.75 -16.50
CA PHE B 129 7.57 3.29 -16.33
C PHE B 129 6.33 2.73 -17.02
N SER B 130 5.23 3.50 -16.99
CA SER B 130 3.98 3.08 -17.63
C SER B 130 4.15 2.97 -19.12
N ASP B 131 4.96 3.84 -19.71
CA ASP B 131 5.19 3.79 -21.14
C ASP B 131 5.86 2.46 -21.53
N ILE B 132 6.69 1.92 -20.66
CA ILE B 132 7.34 0.62 -20.93
C ILE B 132 6.26 -0.46 -20.80
N LEU B 133 5.38 -0.28 -19.82
CA LEU B 133 4.30 -1.22 -19.57
C LEU B 133 3.37 -1.32 -20.78
N SER B 134 3.19 -0.21 -21.48
CA SER B 134 2.30 -0.20 -22.63
C SER B 134 2.87 -0.94 -23.84
N LYS B 135 4.17 -1.20 -23.81
CA LYS B 135 4.80 -1.91 -24.92
C LYS B 135 4.86 -3.41 -24.67
N MET B 136 4.37 -3.84 -23.50
CA MET B 136 4.41 -5.25 -23.15
C MET B 136 3.77 -6.14 -24.20
N GLY B 137 2.53 -5.80 -24.59
CA GLY B 137 1.83 -6.57 -25.60
C GLY B 137 2.70 -6.82 -26.82
N GLY B 138 3.40 -5.79 -27.25
CA GLY B 138 4.26 -5.92 -28.41
C GLY B 138 5.41 -6.89 -28.22
N TRP B 139 5.77 -7.17 -26.97
CA TRP B 139 6.87 -8.08 -26.67
C TRP B 139 6.44 -9.51 -26.35
N LEU B 140 5.13 -9.75 -26.33
CA LEU B 140 4.58 -11.07 -26.05
C LEU B 140 4.07 -11.73 -27.34
N LEU B 141 4.66 -12.86 -27.69
CA LEU B 141 4.27 -13.57 -28.89
C LEU B 141 3.80 -14.97 -28.51
N PRO B 142 2.48 -15.23 -28.54
CA PRO B 142 2.02 -16.57 -28.19
C PRO B 142 2.85 -17.59 -28.95
N GLY B 143 3.52 -18.47 -28.21
CA GLY B 143 4.38 -19.47 -28.80
C GLY B 143 3.66 -20.57 -29.56
N LYS B 144 4.46 -21.55 -30.00
CA LYS B 144 3.93 -22.68 -30.74
C LYS B 144 3.00 -23.55 -29.89
N ASP B 145 1.98 -24.09 -30.55
CA ASP B 145 0.98 -24.98 -29.94
C ASP B 145 0.22 -24.43 -28.72
N GLY B 146 0.17 -23.10 -28.59
CA GLY B 146 -0.55 -22.48 -27.50
C GLY B 146 -0.21 -22.96 -26.09
N ASN B 147 0.89 -23.69 -25.95
CA ASN B 147 1.32 -24.19 -24.65
C ASN B 147 2.57 -23.39 -24.28
N THR B 148 3.05 -22.62 -25.24
CA THR B 148 4.24 -21.82 -25.02
C THR B 148 4.01 -20.37 -25.37
N VAL B 149 4.92 -19.52 -24.92
CA VAL B 149 4.87 -18.10 -25.16
C VAL B 149 6.31 -17.69 -25.42
N LYS B 150 6.50 -16.57 -26.10
CA LYS B 150 7.86 -16.09 -26.33
C LYS B 150 7.86 -14.65 -25.89
N LEU B 151 8.79 -14.34 -24.99
CA LEU B 151 8.93 -13.00 -24.45
C LEU B 151 10.23 -12.41 -24.96
N ASP B 152 10.17 -11.17 -25.41
CA ASP B 152 11.37 -10.51 -25.91
C ASP B 152 12.06 -9.92 -24.69
N VAL B 153 12.69 -10.79 -23.91
CA VAL B 153 13.36 -10.37 -22.70
C VAL B 153 14.46 -9.35 -22.93
N THR B 154 15.01 -9.36 -24.14
CA THR B 154 16.07 -8.42 -24.46
C THR B 154 15.57 -6.99 -24.52
N SER B 155 14.56 -6.75 -25.35
CA SER B 155 14.00 -5.41 -25.47
C SER B 155 13.42 -4.95 -24.13
N LEU B 156 12.76 -5.85 -23.44
CA LEU B 156 12.16 -5.51 -22.15
C LEU B 156 13.27 -5.09 -21.18
N LYS B 157 14.30 -5.93 -21.08
CA LYS B 157 15.43 -5.67 -20.20
C LYS B 157 16.12 -4.34 -20.50
N ASN B 158 16.36 -4.06 -21.78
CA ASN B 158 17.02 -2.80 -22.14
C ASN B 158 16.20 -1.58 -21.74
N ASP B 159 14.89 -1.66 -21.89
CA ASP B 159 14.03 -0.54 -21.53
C ASP B 159 14.02 -0.36 -20.01
N LEU B 160 13.95 -1.45 -19.27
CA LEU B 160 13.96 -1.35 -17.80
C LEU B 160 15.31 -0.80 -17.34
N ASN B 161 16.40 -1.28 -17.95
CA ASN B 161 17.72 -0.78 -17.55
C ASN B 161 17.91 0.67 -17.92
N SER B 162 17.37 1.09 -19.06
CA SER B 162 17.50 2.48 -19.46
C SER B 162 16.81 3.32 -18.41
N LEU B 163 15.63 2.89 -18.02
CA LEU B 163 14.88 3.62 -17.00
C LEU B 163 15.69 3.63 -15.70
N VAL B 164 16.25 2.49 -15.33
CA VAL B 164 17.03 2.43 -14.10
C VAL B 164 18.23 3.37 -14.16
N ASN B 165 18.93 3.40 -15.30
CA ASN B 165 20.09 4.28 -15.42
C ASN B 165 19.72 5.75 -15.41
N LYS B 166 18.66 6.13 -16.12
CA LYS B 166 18.29 7.54 -16.10
C LYS B 166 17.99 7.97 -14.66
N TYR B 167 17.15 7.20 -13.98
CA TYR B 167 16.78 7.53 -12.60
C TYR B 167 17.79 7.20 -11.53
N ASN B 168 18.84 6.46 -11.89
CA ASN B 168 19.86 6.13 -10.92
C ASN B 168 20.83 7.30 -10.77
N GLN B 169 20.85 8.19 -11.76
CA GLN B 169 21.70 9.37 -11.71
C GLN B 169 21.11 10.39 -10.74
N ILE B 170 21.95 11.26 -10.21
CA ILE B 170 21.50 12.27 -9.26
C ILE B 170 21.42 13.66 -9.89
N ASN B 171 20.20 14.18 -10.03
CA ASN B 171 20.00 15.49 -10.62
C ASN B 171 18.57 15.98 -10.37
N SER B 172 18.26 17.18 -10.86
CA SER B 172 16.94 17.79 -10.68
C SER B 172 15.86 17.14 -11.53
N ASN B 173 15.78 15.82 -11.47
CA ASN B 173 14.78 15.09 -12.24
C ASN B 173 14.65 13.72 -11.61
N THR B 174 15.50 13.46 -10.64
CA THR B 174 15.49 12.18 -9.95
C THR B 174 15.55 12.41 -8.43
N VAL B 175 15.93 13.62 -8.04
CA VAL B 175 16.03 13.96 -6.63
C VAL B 175 14.71 14.41 -6.03
N LEU B 176 14.29 13.73 -4.97
CA LEU B 176 13.04 14.06 -4.31
C LEU B 176 13.28 15.13 -3.27
N PHE B 177 14.43 15.04 -2.61
CA PHE B 177 14.78 16.00 -1.58
C PHE B 177 16.30 16.06 -1.48
N PRO B 178 16.87 17.27 -1.39
CA PRO B 178 16.22 18.59 -1.36
C PRO B 178 15.69 18.95 -2.75
N ALA B 179 14.87 20.00 -2.81
CA ALA B 179 14.33 20.45 -4.10
C ALA B 179 15.54 20.97 -4.88
N GLN B 180 15.62 20.60 -6.15
CA GLN B 180 16.74 21.00 -6.97
C GLN B 180 16.53 22.22 -7.87
N SER B 181 17.54 23.08 -7.90
CA SER B 181 17.54 24.28 -8.70
C SER B 181 18.92 24.41 -9.34
N GLY B 182 19.14 25.51 -10.06
CA GLY B 182 20.42 25.73 -10.70
C GLY B 182 20.87 24.57 -11.55
N SER B 183 22.18 24.49 -11.80
CA SER B 183 22.75 23.42 -12.62
C SER B 183 23.56 22.48 -11.72
N GLY B 184 23.60 22.80 -10.42
CA GLY B 184 24.33 21.97 -9.49
C GLY B 184 23.44 21.24 -8.49
N VAL B 185 23.89 20.07 -8.05
CA VAL B 185 23.11 19.30 -7.08
C VAL B 185 23.12 19.98 -5.73
N LYS B 186 21.94 20.05 -5.12
CA LYS B 186 21.82 20.66 -3.80
C LYS B 186 21.61 19.49 -2.85
N VAL B 187 22.42 19.43 -1.80
CA VAL B 187 22.34 18.34 -0.85
C VAL B 187 21.83 18.78 0.50
N ALA B 188 21.70 17.83 1.41
CA ALA B 188 21.23 18.10 2.76
C ALA B 188 22.12 17.29 3.70
N THR B 189 22.00 17.56 4.99
CA THR B 189 22.80 16.81 5.94
C THR B 189 22.20 15.41 6.03
N GLU B 190 22.99 14.45 6.49
CA GLU B 190 22.48 13.10 6.61
C GLU B 190 21.22 13.10 7.48
N ALA B 191 21.23 13.91 8.54
CA ALA B 191 20.11 14.01 9.48
C ALA B 191 18.84 14.57 8.84
N GLU B 192 18.98 15.58 8.00
CA GLU B 192 17.83 16.17 7.33
C GLU B 192 17.28 15.16 6.33
N ALA B 193 18.19 14.55 5.59
CA ALA B 193 17.81 13.56 4.59
C ALA B 193 17.02 12.41 5.22
N ARG B 194 17.56 11.85 6.31
CA ARG B 194 16.89 10.74 6.99
C ARG B 194 15.53 11.16 7.55
N GLN B 195 15.44 12.41 8.00
CA GLN B 195 14.18 12.90 8.54
C GLN B 195 13.13 12.86 7.43
N TRP B 196 13.47 13.45 6.28
CA TRP B 196 12.53 13.44 5.16
C TRP B 196 12.27 12.01 4.70
N LEU B 197 13.33 11.21 4.71
CA LEU B 197 13.20 9.82 4.32
C LEU B 197 12.07 9.19 5.13
N SER B 198 12.13 9.33 6.46
CA SER B 198 11.09 8.76 7.32
C SER B 198 9.79 9.53 7.16
N GLU B 199 9.91 10.85 7.03
CA GLU B 199 8.72 11.69 6.86
C GLU B 199 7.90 11.19 5.67
N LEU B 200 8.57 10.91 4.56
CA LEU B 200 7.90 10.46 3.33
C LEU B 200 7.57 8.97 3.26
N ASN B 201 8.10 8.20 4.21
CA ASN B 201 7.86 6.76 4.26
C ASN B 201 8.44 6.09 3.04
N LEU B 202 9.73 6.33 2.78
CA LEU B 202 10.40 5.74 1.64
C LEU B 202 11.40 4.74 2.14
N PRO B 203 11.74 3.74 1.31
CA PRO B 203 12.70 2.74 1.73
C PRO B 203 14.12 3.30 1.81
N ASN B 204 14.92 2.65 2.64
CA ASN B 204 16.30 3.03 2.85
C ASN B 204 17.07 3.16 1.54
N SER B 205 16.66 2.39 0.54
CA SER B 205 17.34 2.44 -0.76
C SER B 205 17.17 3.77 -1.49
N CYS B 206 16.36 4.67 -0.93
CA CYS B 206 16.17 5.96 -1.56
C CYS B 206 17.17 6.96 -1.01
N LEU B 207 17.85 6.58 0.08
CA LEU B 207 18.82 7.48 0.70
C LEU B 207 20.18 7.33 0.05
N LYS B 208 20.73 8.43 -0.47
CA LYS B 208 22.02 8.36 -1.12
C LYS B 208 22.95 9.51 -0.78
N SER B 209 24.22 9.18 -0.60
CA SER B 209 25.19 10.22 -0.30
C SER B 209 25.60 10.87 -1.62
N TYR B 210 25.94 12.15 -1.57
CA TYR B 210 26.41 12.88 -2.73
C TYR B 210 27.41 13.90 -2.24
N GLY B 211 28.68 13.63 -2.50
CA GLY B 211 29.70 14.56 -2.08
C GLY B 211 29.64 14.77 -0.58
N SER B 212 29.49 16.02 -0.18
CA SER B 212 29.46 16.41 1.22
C SER B 212 28.11 16.21 1.91
N GLY B 213 27.10 15.77 1.18
CA GLY B 213 25.81 15.61 1.80
C GLY B 213 25.00 14.39 1.41
N TYR B 214 23.68 14.55 1.44
CA TYR B 214 22.79 13.45 1.12
C TYR B 214 21.59 13.93 0.36
N VAL B 215 21.06 13.06 -0.48
CA VAL B 215 19.88 13.36 -1.24
C VAL B 215 18.94 12.15 -1.10
N VAL B 216 17.66 12.35 -1.41
CA VAL B 216 16.68 11.28 -1.37
C VAL B 216 16.16 11.15 -2.80
N THR B 217 16.33 9.97 -3.40
CA THR B 217 15.90 9.73 -4.76
C THR B 217 14.75 8.74 -4.84
N VAL B 218 14.26 8.51 -6.05
CA VAL B 218 13.15 7.57 -6.27
C VAL B 218 13.68 6.18 -5.96
N ASP B 219 12.78 5.27 -5.56
CA ASP B 219 13.16 3.90 -5.24
C ASP B 219 13.25 3.07 -6.54
N LEU B 220 14.39 2.44 -6.77
CA LEU B 220 14.62 1.64 -7.97
C LEU B 220 14.53 0.14 -7.74
N THR B 221 14.38 -0.25 -6.48
CA THR B 221 14.32 -1.67 -6.14
C THR B 221 13.34 -2.51 -6.97
N PRO B 222 12.12 -1.99 -7.23
CA PRO B 222 11.16 -2.77 -8.03
C PRO B 222 11.67 -3.01 -9.47
N LEU B 223 12.19 -1.96 -10.09
CA LEU B 223 12.70 -2.09 -11.46
C LEU B 223 13.88 -3.05 -11.47
N GLN B 224 14.78 -2.93 -10.49
CA GLN B 224 15.95 -3.81 -10.47
C GLN B 224 15.53 -5.27 -10.28
N LYS B 225 14.54 -5.50 -9.43
CA LYS B 225 14.07 -6.85 -9.19
C LYS B 225 13.42 -7.42 -10.48
N MET B 226 12.77 -6.56 -11.25
CA MET B 226 12.16 -7.00 -12.51
C MET B 226 13.28 -7.51 -13.42
N VAL B 227 14.35 -6.71 -13.54
CA VAL B 227 15.48 -7.08 -14.40
C VAL B 227 16.07 -8.38 -13.87
N GLN B 228 16.19 -8.50 -12.55
CA GLN B 228 16.73 -9.71 -11.94
C GLN B 228 15.90 -10.93 -12.31
N ASP B 229 14.58 -10.82 -12.20
CA ASP B 229 13.70 -11.94 -12.52
C ASP B 229 13.71 -12.29 -14.00
N ILE B 230 13.96 -11.31 -14.87
CA ILE B 230 14.02 -11.59 -16.30
C ILE B 230 15.31 -12.39 -16.52
N ASP B 231 16.43 -11.95 -15.93
CA ASP B 231 17.68 -12.71 -16.08
C ASP B 231 17.43 -14.12 -15.56
N GLY B 232 16.74 -14.18 -14.41
CA GLY B 232 16.44 -15.45 -13.78
C GLY B 232 15.69 -16.42 -14.67
N LEU B 233 15.03 -15.92 -15.71
CA LEU B 233 14.29 -16.78 -16.62
C LEU B 233 15.24 -17.68 -17.40
N GLY B 234 16.47 -17.20 -17.60
CA GLY B 234 17.45 -17.98 -18.35
C GLY B 234 17.89 -17.25 -19.59
N ALA B 235 18.93 -17.76 -20.25
CA ALA B 235 19.45 -17.12 -21.46
C ALA B 235 18.43 -17.25 -22.59
N PRO B 236 18.29 -16.21 -23.43
CA PRO B 236 17.34 -16.23 -24.55
C PRO B 236 17.97 -16.90 -25.77
N GLY B 237 17.13 -17.33 -26.70
CA GLY B 237 17.62 -17.96 -27.90
C GLY B 237 18.51 -17.06 -28.74
N LYS B 238 18.88 -17.54 -29.93
CA LYS B 238 19.73 -16.79 -30.84
C LYS B 238 19.16 -15.42 -31.20
N ASP B 239 17.83 -15.31 -31.14
CA ASP B 239 17.14 -14.05 -31.49
C ASP B 239 16.94 -13.12 -30.30
N SER B 240 17.61 -13.38 -29.18
CA SER B 240 17.49 -12.55 -27.99
C SER B 240 16.07 -12.54 -27.42
N LYS B 241 15.25 -13.52 -27.83
CA LYS B 241 13.89 -13.64 -27.33
C LYS B 241 13.85 -14.94 -26.54
N LEU B 242 12.85 -15.10 -25.67
CA LEU B 242 12.80 -16.30 -24.86
C LEU B 242 11.45 -17.01 -24.85
N GLU B 243 11.47 -18.28 -25.25
CA GLU B 243 10.25 -19.08 -25.27
C GLU B 243 10.16 -19.83 -23.96
N MET B 244 8.98 -19.79 -23.36
CA MET B 244 8.77 -20.48 -22.09
C MET B 244 7.37 -21.03 -22.11
N ASP B 245 7.17 -22.20 -21.51
CA ASP B 245 5.84 -22.76 -21.51
C ASP B 245 4.97 -21.89 -20.62
N ASN B 246 3.74 -22.31 -20.39
CA ASN B 246 2.84 -21.52 -19.58
C ASN B 246 3.09 -21.63 -18.09
N ALA B 247 3.56 -22.76 -17.59
CA ALA B 247 3.82 -22.91 -16.17
C ALA B 247 4.87 -21.90 -15.71
N LYS B 248 5.79 -21.55 -16.61
CA LYS B 248 6.85 -20.61 -16.28
C LYS B 248 6.51 -19.15 -16.53
N TYR B 249 5.69 -18.89 -17.55
CA TYR B 249 5.28 -17.53 -17.86
C TYR B 249 4.36 -17.01 -16.77
N GLN B 250 3.48 -17.89 -16.32
CA GLN B 250 2.51 -17.60 -15.28
C GLN B 250 3.19 -17.16 -13.98
N ALA B 251 4.23 -17.85 -13.56
CA ALA B 251 4.94 -17.48 -12.33
C ALA B 251 5.71 -16.18 -12.57
N TRP B 252 6.33 -16.05 -13.75
CA TRP B 252 7.09 -14.84 -14.03
C TRP B 252 6.20 -13.61 -14.10
N GLN B 253 5.06 -13.76 -14.76
CA GLN B 253 4.15 -12.66 -14.95
C GLN B 253 3.59 -12.15 -13.64
N SER B 254 3.30 -13.04 -12.70
CA SER B 254 2.74 -12.59 -11.43
C SER B 254 3.83 -11.87 -10.63
N GLY B 255 5.07 -12.35 -10.75
CA GLY B 255 6.16 -11.70 -10.06
C GLY B 255 6.38 -10.32 -10.66
N PHE B 256 6.22 -10.21 -11.98
CA PHE B 256 6.40 -8.94 -12.68
C PHE B 256 5.31 -7.96 -12.22
N LYS B 257 4.08 -8.43 -12.19
CA LYS B 257 2.95 -7.61 -11.78
C LYS B 257 3.10 -7.11 -10.33
N ALA B 258 3.65 -7.95 -9.47
CA ALA B 258 3.83 -7.56 -8.07
C ALA B 258 4.69 -6.30 -7.95
N GLN B 259 5.82 -6.28 -8.67
CA GLN B 259 6.73 -5.14 -8.63
C GLN B 259 6.09 -3.90 -9.26
N GLU B 260 5.26 -4.15 -10.26
CA GLU B 260 4.53 -3.07 -10.93
C GLU B 260 3.67 -2.41 -9.84
N GLU B 261 2.87 -3.23 -9.14
CA GLU B 261 2.02 -2.72 -8.07
C GLU B 261 2.83 -2.08 -6.95
N ASN B 262 4.06 -2.53 -6.76
CA ASN B 262 4.89 -1.94 -5.70
C ASN B 262 5.18 -0.45 -5.97
N MET B 263 5.50 -0.13 -7.22
CA MET B 263 5.78 1.26 -7.57
C MET B 263 4.52 2.12 -7.49
N LYS B 264 3.41 1.58 -7.95
CA LYS B 264 2.15 2.30 -7.93
C LYS B 264 1.75 2.64 -6.49
N THR B 265 2.08 1.74 -5.57
CA THR B 265 1.78 1.95 -4.15
C THR B 265 2.65 3.10 -3.60
N THR B 266 3.92 3.13 -3.98
CA THR B 266 4.80 4.19 -3.52
C THR B 266 4.29 5.55 -4.00
N LEU B 267 3.87 5.63 -5.26
CA LEU B 267 3.36 6.89 -5.77
C LEU B 267 2.14 7.31 -4.94
N GLN B 268 1.24 6.37 -4.72
CA GLN B 268 0.03 6.63 -3.95
C GLN B 268 0.32 7.06 -2.51
N THR B 269 1.24 6.38 -1.84
CA THR B 269 1.51 6.78 -0.45
C THR B 269 2.17 8.14 -0.38
N LEU B 270 2.90 8.53 -1.44
CA LEU B 270 3.52 9.85 -1.44
C LEU B 270 2.41 10.89 -1.67
N THR B 271 1.45 10.53 -2.52
CA THR B 271 0.30 11.39 -2.78
C THR B 271 -0.43 11.62 -1.46
N GLN B 272 -0.57 10.57 -0.65
CA GLN B 272 -1.26 10.66 0.63
C GLN B 272 -0.49 11.53 1.62
N LYS B 273 0.83 11.46 1.55
CA LYS B 273 1.69 12.24 2.43
C LYS B 273 1.56 13.71 2.10
N TYR B 274 1.41 14.01 0.81
CA TYR B 274 1.28 15.37 0.32
C TYR B 274 -0.04 15.97 0.82
N SER B 275 -1.13 15.21 0.66
CA SER B 275 -2.45 15.67 1.11
C SER B 275 -2.46 15.99 2.60
N ASN B 276 -1.79 15.18 3.41
CA ASN B 276 -1.77 15.44 4.84
C ASN B 276 -0.97 16.70 5.06
N ALA B 277 0.09 16.85 4.28
CA ALA B 277 0.96 17.99 4.38
C ALA B 277 0.13 19.25 4.11
N ASN B 278 -0.63 19.24 3.02
CA ASN B 278 -1.47 20.37 2.69
C ASN B 278 -2.44 20.63 3.83
N SER B 279 -3.03 19.57 4.35
CA SER B 279 -3.98 19.70 5.44
C SER B 279 -3.34 20.34 6.66
N LEU B 280 -2.15 19.90 7.04
CA LEU B 280 -1.46 20.49 8.21
C LEU B 280 -1.08 21.94 7.96
N TYR B 281 -0.68 22.26 6.74
CA TYR B 281 -0.28 23.62 6.38
C TYR B 281 -1.46 24.56 6.46
N ASP B 282 -2.54 24.20 5.76
CA ASP B 282 -3.74 25.01 5.73
C ASP B 282 -4.32 25.21 7.13
N ASN B 283 -4.21 24.20 7.97
CA ASN B 283 -4.74 24.33 9.32
C ASN B 283 -3.90 25.28 10.14
N LEU B 284 -2.60 25.32 9.89
CA LEU B 284 -1.72 26.23 10.63
C LEU B 284 -2.11 27.66 10.26
N VAL B 285 -2.18 27.91 8.95
CA VAL B 285 -2.54 29.22 8.43
C VAL B 285 -3.80 29.71 9.13
N LYS B 286 -4.87 28.92 9.06
CA LYS B 286 -6.14 29.25 9.69
C LYS B 286 -5.97 29.67 11.15
N VAL B 287 -5.31 28.82 11.94
CA VAL B 287 -5.10 29.15 13.34
C VAL B 287 -4.28 30.42 13.50
N LEU B 288 -3.34 30.68 12.59
CA LEU B 288 -2.56 31.89 12.69
C LEU B 288 -3.43 33.10 12.33
N SER B 289 -4.17 33.00 11.23
CA SER B 289 -5.07 34.06 10.82
C SER B 289 -5.94 34.45 12.02
N SER B 290 -6.71 33.48 12.51
CA SER B 290 -7.60 33.69 13.64
C SER B 290 -6.88 34.31 14.83
N THR B 291 -5.79 33.70 15.25
CA THR B 291 -5.02 34.20 16.39
C THR B 291 -4.54 35.64 16.19
N ILE B 292 -4.25 36.00 14.95
CA ILE B 292 -3.79 37.35 14.64
C ILE B 292 -4.96 38.32 14.43
N SER B 293 -6.05 37.83 13.87
CA SER B 293 -7.22 38.67 13.63
C SER B 293 -7.95 38.95 14.94
N SER B 294 -7.87 38.03 15.89
CA SER B 294 -8.53 38.19 17.18
C SER B 294 -7.71 39.10 18.08
N SER B 295 -6.40 38.98 17.99
CA SER B 295 -5.52 39.81 18.79
C SER B 295 -5.85 41.27 18.50
N LEU B 296 -6.17 41.55 17.24
CA LEU B 296 -6.50 42.90 16.82
C LEU B 296 -7.87 43.40 17.30
N GLU B 297 -8.92 42.64 17.01
CA GLU B 297 -10.26 43.05 17.42
C GLU B 297 -10.33 43.34 18.92
N THR B 298 -9.52 42.63 19.70
CA THR B 298 -9.50 42.83 21.14
C THR B 298 -8.83 44.16 21.45
N ALA B 299 -7.68 44.39 20.81
CA ALA B 299 -6.92 45.62 21.01
C ALA B 299 -7.73 46.86 20.63
N LYS B 300 -8.45 46.79 19.52
CA LYS B 300 -9.26 47.89 19.00
C LYS B 300 -10.46 48.29 19.85
N SER B 301 -10.93 47.39 20.69
CA SER B 301 -12.09 47.70 21.54
C SER B 301 -11.61 48.34 22.84
N PHE B 302 -10.40 48.89 22.78
CA PHE B 302 -9.79 49.53 23.94
C PHE B 302 -9.41 50.98 23.63
N LEU B 303 -9.88 51.51 22.60
C1 GOL C . -4.00 -16.60 -10.78
O1 GOL C . -4.66 -16.99 -11.99
C2 GOL C . -2.60 -17.22 -10.73
O2 GOL C . -2.70 -18.65 -10.79
C3 GOL C . -1.89 -16.80 -9.45
O3 GOL C . -1.75 -15.38 -9.43
C1 GOL D . -4.40 3.94 6.31
O1 GOL D . -4.40 5.15 7.09
C2 GOL D . -4.28 4.31 4.83
O2 GOL D . -5.38 5.16 4.45
C3 GOL D . -4.30 3.03 3.97
O3 GOL D . -3.19 2.21 4.32
C1 DXC E . 15.91 14.24 17.43
C2 DXC E . 16.39 14.22 15.98
C3 DXC E . 15.23 14.58 15.05
C4 DXC E . 14.06 13.60 15.20
C5 DXC E . 13.61 13.58 16.67
C6 DXC E . 14.78 13.22 17.60
C7 DXC E . 15.75 14.60 13.61
C8 DXC E . 16.17 13.20 13.18
C9 DXC E . 15.00 12.23 13.31
C10 DXC E . 14.46 12.20 14.75
C11 DXC E . 15.43 10.82 12.93
C12 DXC E . 14.22 9.88 12.93
C13 DXC E . 13.67 9.82 14.36
C14 DXC E . 13.29 11.22 14.85
C15 DXC E . 15.90 10.66 11.48
C16 DXC E . 15.85 9.13 11.31
C17 DXC E . 14.95 8.62 12.45
C18 DXC E . 12.89 14.10 14.34
C19 DXC E . 14.07 7.47 11.97
O1 DXC E . 14.64 9.25 15.24
O2 DXC E . 17.00 13.88 18.29
C20 DXC E . 13.16 10.36 11.94
C21 DXC E . 14.96 6.38 11.38
C22 DXC E . 14.21 5.31 10.59
C23 DXC E . 13.59 4.23 11.49
O3 DXC E . 12.35 4.14 11.52
O4 DXC E . 14.39 3.48 12.09
C24 DXC E . 13.22 6.92 13.12
#